data_6I5H
#
_entry.id   6I5H
#
_cell.length_a   81.219
_cell.length_b   64.049
_cell.length_c   83.535
_cell.angle_alpha   90.00
_cell.angle_beta   111.99
_cell.angle_gamma   90.00
#
_symmetry.space_group_name_H-M   'I 1 2 1'
#
loop_
_entity.id
_entity.type
_entity.pdbx_description
1 polymer 'Dual specificity protein kinase CLK1'
2 non-polymer 1,2-ETHANEDIOL
3 non-polymer GLYCEROL
4 non-polymer 5-(1-methylpyrazol-4-yl)-3-(3-phenoxyphenyl)furo[3,2-b]pyridine
5 water water
#
_entity_poly.entity_id   1
_entity_poly.type   'polypeptide(L)'
_entity_poly.pdbx_seq_one_letter_code
;SMHLICQSGDVLSARYEIVDTLGEGAFGKVVECIDHKAGGRHVAVKIVKNVDRYCEAARSEIQVLEHLNTTDPNSTFRCV
QMLEWFEHHGHICIVFELLGLSTYDFIKENGFLPFRLDHIRKMAYQICKSVNFLHSNKLTHTDLKPENILFVQSDYTEAY
NPKIKRDERTLINPDIKVVDFGSATYDDEHHSTLVSTRHYRAPEVILALGWSQPCDVWSIGCILIEYYLGFTVFPTHDSK
EHLAMMERILGPLPKHMIQKTRKRKYFHHDRLDWDEHSSAGRYVSRACKPLKEFMLSQDVEHERLFDLIQKMLEYDPAKR
ITLREALKHPFFDLLKKSI
;
_entity_poly.pdbx_strand_id   A
#
# COMPACT_ATOMS: atom_id res chain seq x y z
N SER A 1 25.70 12.18 7.41
CA SER A 1 24.55 11.81 6.55
C SER A 1 24.54 10.30 6.36
N MET A 2 23.39 9.76 5.96
CA MET A 2 23.27 8.34 5.81
C MET A 2 24.21 7.82 4.72
N HIS A 3 24.41 8.63 3.69
CA HIS A 3 25.30 8.38 2.58
C HIS A 3 26.68 7.87 3.06
N LEU A 4 27.16 8.35 4.21
CA LEU A 4 28.51 7.98 4.68
C LEU A 4 28.53 6.56 5.25
N ILE A 5 27.37 5.96 5.51
CA ILE A 5 27.37 4.69 6.27
C ILE A 5 26.57 3.60 5.49
N CYS A 6 26.25 3.85 4.23
CA CYS A 6 25.35 2.90 3.47
C CYS A 6 25.99 2.43 2.15
N GLN A 7 27.34 2.50 2.07
CA GLN A 7 28.07 2.23 0.84
C GLN A 7 28.35 0.72 0.72
N SER A 8 28.36 0.25 -0.53
CA SER A 8 28.80 -1.10 -0.79
C SER A 8 30.12 -1.37 -0.05
N GLY A 9 30.24 -2.54 0.56
CA GLY A 9 31.46 -2.94 1.31
C GLY A 9 31.42 -2.51 2.75
N ASP A 10 30.53 -1.59 3.13
CA ASP A 10 30.44 -1.24 4.54
C ASP A 10 29.89 -2.43 5.34
N VAL A 11 30.33 -2.60 6.59
CA VAL A 11 29.90 -3.71 7.46
C VAL A 11 29.14 -3.14 8.63
N LEU A 12 27.89 -3.54 8.78
CA LEU A 12 27.03 -3.10 9.86
C LEU A 12 26.97 -4.18 10.92
N SER A 13 27.01 -3.75 12.19
CA SER A 13 26.75 -4.66 13.35
C SER A 13 27.76 -5.83 13.38
N ALA A 14 28.93 -5.58 12.81
CA ALA A 14 30.05 -6.54 12.71
C ALA A 14 29.67 -7.81 11.95
N ARG A 15 28.66 -7.76 11.06
CA ARG A 15 28.26 -8.97 10.36
C ARG A 15 27.61 -8.73 9.00
N TYR A 16 26.95 -7.59 8.79
CA TYR A 16 26.19 -7.38 7.59
C TYR A 16 26.99 -6.57 6.61
N GLU A 17 27.39 -7.17 5.50
CA GLU A 17 28.20 -6.48 4.49
C GLU A 17 27.31 -5.98 3.36
N ILE A 18 27.23 -4.66 3.18
CA ILE A 18 26.38 -4.10 2.12
C ILE A 18 26.92 -4.51 0.73
N VAL A 19 26.00 -5.02 -0.10
CA VAL A 19 26.35 -5.29 -1.44
C VAL A 19 25.58 -4.45 -2.46
N ASP A 20 24.42 -3.89 -2.12
CA ASP A 20 23.68 -3.11 -3.11
C ASP A 20 22.64 -2.26 -2.37
N THR A 21 22.13 -1.19 -3.01
CA THR A 21 20.97 -0.48 -2.54
C THR A 21 19.74 -1.00 -3.29
N LEU A 22 18.73 -1.36 -2.54
CA LEU A 22 17.49 -1.94 -3.14
C LEU A 22 16.50 -0.84 -3.46
N GLY A 23 16.43 0.17 -2.60
CA GLY A 23 15.52 1.23 -2.81
C GLY A 23 15.63 2.28 -1.76
N GLU A 24 14.94 3.39 -2.01
CA GLU A 24 14.89 4.44 -1.04
C GLU A 24 13.45 4.89 -0.91
N GLY A 25 13.18 5.52 0.23
CA GLY A 25 11.90 6.18 0.49
C GLY A 25 12.12 7.36 1.40
N ALA A 26 11.02 7.98 1.87
CA ALA A 26 11.18 9.15 2.70
C ALA A 26 11.95 8.80 3.99
N PHE A 27 11.88 7.53 4.38
CA PHE A 27 12.34 7.05 5.66
C PHE A 27 13.85 6.79 5.69
N GLY A 28 14.54 6.77 4.56
CA GLY A 28 15.90 6.24 4.47
C GLY A 28 16.08 5.33 3.30
N LYS A 29 16.81 4.20 3.49
CA LYS A 29 17.02 3.34 2.36
C LYS A 29 17.01 1.88 2.82
N VAL A 30 16.85 1.00 1.86
CA VAL A 30 16.96 -0.39 2.16
C VAL A 30 18.16 -0.90 1.32
N VAL A 31 19.06 -1.66 1.95
CA VAL A 31 20.25 -2.20 1.31
C VAL A 31 20.21 -3.74 1.42
N GLU A 32 20.82 -4.38 0.46
CA GLU A 32 21.01 -5.85 0.48
C GLU A 32 22.39 -6.10 1.10
N CYS A 33 22.43 -7.05 2.03
CA CYS A 33 23.66 -7.36 2.77
C CYS A 33 23.91 -8.86 2.76
N ILE A 34 25.18 -9.20 2.78
CA ILE A 34 25.59 -10.55 3.14
C ILE A 34 25.71 -10.65 4.65
N ASP A 35 25.08 -11.66 5.25
CA ASP A 35 25.21 -11.83 6.72
C ASP A 35 26.29 -12.88 6.98
N HIS A 36 27.48 -12.42 7.34
CA HIS A 36 28.65 -13.28 7.55
C HIS A 36 28.47 -14.17 8.78
N LYS A 37 27.51 -13.84 9.66
CA LYS A 37 27.29 -14.67 10.85
C LYS A 37 26.12 -15.62 10.63
N ALA A 38 25.53 -15.66 9.43
CA ALA A 38 24.52 -16.65 9.09
C ALA A 38 24.87 -17.34 7.76
N GLY A 39 26.13 -17.71 7.66
CA GLY A 39 26.60 -18.58 6.58
C GLY A 39 26.54 -17.90 5.23
N GLY A 40 26.52 -16.55 5.26
CA GLY A 40 26.53 -15.77 4.02
C GLY A 40 25.15 -15.51 3.46
N ARG A 41 24.09 -15.79 4.24
CA ARG A 41 22.73 -15.52 3.81
C ARG A 41 22.63 -14.06 3.38
N HIS A 42 21.93 -13.78 2.28
CA HIS A 42 21.63 -12.37 1.96
C HIS A 42 20.34 -11.97 2.69
N VAL A 43 20.37 -10.77 3.21
CA VAL A 43 19.28 -10.14 3.94
C VAL A 43 19.05 -8.72 3.43
N ALA A 44 17.92 -8.12 3.83
CA ALA A 44 17.68 -6.70 3.56
C ALA A 44 17.82 -5.93 4.86
N VAL A 45 18.46 -4.78 4.80
CA VAL A 45 18.52 -3.95 5.99
C VAL A 45 17.96 -2.60 5.63
N LYS A 46 16.97 -2.18 6.41
CA LYS A 46 16.38 -0.84 6.28
C LYS A 46 17.13 0.08 7.23
N ILE A 47 17.81 1.07 6.65
CA ILE A 47 18.55 2.06 7.41
C ILE A 47 17.66 3.29 7.47
N VAL A 48 17.29 3.66 8.69
CA VAL A 48 16.30 4.71 8.96
C VAL A 48 16.99 6.03 9.19
N LYS A 49 16.44 7.07 8.54
CA LYS A 49 16.98 8.40 8.79
C LYS A 49 16.96 8.74 10.28
N ASN A 50 17.97 9.49 10.72
CA ASN A 50 18.11 9.89 12.11
C ASN A 50 17.34 11.20 12.28
N VAL A 51 16.01 11.09 12.12
CA VAL A 51 15.01 12.16 12.22
C VAL A 51 13.87 11.64 13.10
N ASP A 52 13.37 12.45 14.04
CA ASP A 52 12.44 11.95 15.05
C ASP A 52 11.26 11.19 14.42
N ARG A 53 10.59 11.72 13.39
CA ARG A 53 9.40 11.19 12.86
C ARG A 53 9.66 9.75 12.40
N TYR A 54 10.80 9.58 11.69
CA TYR A 54 11.14 8.27 11.16
C TYR A 54 11.69 7.34 12.22
N CYS A 55 12.52 7.85 13.16
CA CYS A 55 12.93 6.97 14.29
C CYS A 55 11.71 6.45 15.05
N GLU A 56 10.71 7.32 15.31
CA GLU A 56 9.55 6.91 16.04
C GLU A 56 8.77 5.84 15.25
N ALA A 57 8.63 6.01 13.94
CA ALA A 57 7.92 5.02 13.12
C ALA A 57 8.69 3.70 13.16
N ALA A 58 10.03 3.77 13.14
CA ALA A 58 10.84 2.51 13.14
C ALA A 58 10.64 1.78 14.44
N ARG A 59 10.62 2.51 15.55
CA ARG A 59 10.45 1.86 16.81
C ARG A 59 9.07 1.21 16.86
N SER A 60 8.05 1.93 16.37
CA SER A 60 6.69 1.40 16.27
C SER A 60 6.67 0.13 15.38
N GLU A 61 7.31 0.19 14.22
CA GLU A 61 7.35 -0.91 13.29
C GLU A 61 7.96 -2.14 13.94
N ILE A 62 9.07 -1.96 14.68
CA ILE A 62 9.72 -3.10 15.35
C ILE A 62 8.74 -3.80 16.29
N GLN A 63 7.96 -3.03 17.05
CA GLN A 63 7.02 -3.62 18.00
C GLN A 63 5.89 -4.34 17.24
N VAL A 64 5.42 -3.77 16.14
CA VAL A 64 4.34 -4.42 15.34
C VAL A 64 4.89 -5.69 14.71
N LEU A 65 6.10 -5.65 14.17
CA LEU A 65 6.67 -6.83 13.54
C LEU A 65 6.87 -7.94 14.55
N GLU A 66 7.38 -7.58 15.74
CA GLU A 66 7.56 -8.63 16.78
C GLU A 66 6.24 -9.35 17.06
N HIS A 67 5.16 -8.60 17.18
CA HIS A 67 3.82 -9.15 17.40
C HIS A 67 3.40 -10.01 16.20
N LEU A 68 3.48 -9.47 14.99
CA LEU A 68 2.92 -10.20 13.82
C LEU A 68 3.75 -11.43 13.60
N ASN A 69 5.08 -11.33 13.68
CA ASN A 69 5.91 -12.50 13.36
C ASN A 69 5.79 -13.56 14.44
N THR A 70 5.57 -13.18 15.70
CA THR A 70 5.37 -14.15 16.73
C THR A 70 4.03 -14.84 16.55
N THR A 71 3.00 -14.08 16.21
CA THR A 71 1.63 -14.61 16.02
C THR A 71 1.59 -15.57 14.80
N ASP A 72 2.35 -15.25 13.74
CA ASP A 72 2.35 -15.99 12.51
C ASP A 72 3.78 -16.41 12.15
N PRO A 73 4.39 -17.37 12.86
CA PRO A 73 5.83 -17.68 12.73
C PRO A 73 6.17 -18.31 11.39
N ASN A 74 5.16 -18.85 10.70
CA ASN A 74 5.38 -19.48 9.37
C ASN A 74 5.22 -18.42 8.25
N SER A 75 4.81 -17.20 8.59
CA SER A 75 4.48 -16.17 7.58
C SER A 75 3.40 -16.71 6.64
N THR A 76 2.46 -17.48 7.16
CA THR A 76 1.31 -17.92 6.42
C THR A 76 0.55 -16.70 5.83
N PHE A 77 0.50 -15.59 6.57
CA PHE A 77 -0.23 -14.43 6.12
C PHE A 77 0.67 -13.37 5.47
N ARG A 78 1.91 -13.73 5.12
CA ARG A 78 2.69 -12.97 4.14
C ARG A 78 3.06 -11.56 4.61
N CYS A 79 3.21 -11.36 5.90
CA CYS A 79 3.91 -10.18 6.37
C CYS A 79 5.41 -10.46 6.44
N VAL A 80 6.21 -9.51 6.01
CA VAL A 80 7.69 -9.71 5.98
C VAL A 80 8.20 -10.09 7.36
N GLN A 81 9.19 -10.98 7.39
CA GLN A 81 9.84 -11.41 8.61
C GLN A 81 11.01 -10.48 8.96
N MET A 82 10.92 -9.93 10.16
CA MET A 82 12.06 -9.16 10.77
C MET A 82 12.95 -10.16 11.49
N LEU A 83 14.27 -10.04 11.25
CA LEU A 83 15.28 -10.96 11.84
C LEU A 83 15.88 -10.38 13.11
N GLU A 84 16.14 -9.05 13.12
CA GLU A 84 16.64 -8.34 14.31
C GLU A 84 16.69 -6.86 13.98
N TRP A 85 17.12 -6.06 14.93
CA TRP A 85 17.38 -4.67 14.67
C TRP A 85 18.58 -4.27 15.52
N PHE A 86 19.21 -3.17 15.11
CA PHE A 86 20.34 -2.65 15.84
C PHE A 86 20.48 -1.16 15.54
N GLU A 87 21.46 -0.50 16.17
CA GLU A 87 21.74 0.87 15.85
C GLU A 87 23.15 0.97 15.27
N HIS A 88 23.28 1.81 14.25
CA HIS A 88 24.56 2.03 13.55
C HIS A 88 24.78 3.51 13.35
N HIS A 89 25.82 4.04 13.99
CA HIS A 89 26.09 5.48 13.95
C HIS A 89 24.80 6.28 14.17
N GLY A 90 24.01 5.87 15.14
CA GLY A 90 22.80 6.59 15.56
C GLY A 90 21.57 6.34 14.70
N HIS A 91 21.69 5.51 13.66
CA HIS A 91 20.58 5.17 12.79
C HIS A 91 20.03 3.81 13.25
N ILE A 92 18.72 3.74 13.38
CA ILE A 92 18.06 2.46 13.55
C ILE A 92 18.16 1.70 12.25
N CYS A 93 18.49 0.41 12.36
CA CYS A 93 18.60 -0.50 11.25
C CYS A 93 17.79 -1.76 11.54
N ILE A 94 16.89 -2.07 10.63
CA ILE A 94 16.05 -3.26 10.80
C ILE A 94 16.41 -4.26 9.73
N VAL A 95 16.68 -5.47 10.17
CA VAL A 95 17.08 -6.55 9.31
C VAL A 95 15.86 -7.41 9.00
N PHE A 96 15.69 -7.69 7.72
CA PHE A 96 14.55 -8.50 7.21
C PHE A 96 15.07 -9.64 6.35
N GLU A 97 14.24 -10.69 6.21
CA GLU A 97 14.42 -11.60 5.10
C GLU A 97 14.48 -10.80 3.80
N LEU A 98 15.30 -11.29 2.88
CA LEU A 98 15.43 -10.68 1.57
C LEU A 98 14.25 -11.11 0.67
N LEU A 99 13.50 -10.10 0.22
CA LEU A 99 12.43 -10.29 -0.78
C LEU A 99 12.96 -9.81 -2.12
N GLY A 100 12.09 -9.88 -3.13
CA GLY A 100 12.34 -9.36 -4.42
C GLY A 100 11.95 -7.91 -4.59
N LEU A 101 11.70 -7.52 -5.84
CA LEU A 101 11.37 -6.20 -6.25
C LEU A 101 9.99 -5.77 -5.73
N SER A 102 9.82 -4.48 -5.45
CA SER A 102 8.51 -3.97 -5.16
C SER A 102 7.63 -4.05 -6.43
N THR A 103 6.32 -4.12 -6.21
CA THR A 103 5.42 -4.20 -7.34
C THR A 103 5.52 -2.88 -8.10
N TYR A 104 5.67 -1.75 -7.38
CA TYR A 104 5.93 -0.47 -8.02
C TYR A 104 7.17 -0.50 -8.93
N ASP A 105 8.29 -0.94 -8.43
CA ASP A 105 9.50 -0.94 -9.24
C ASP A 105 9.35 -1.84 -10.45
N PHE A 106 8.63 -2.94 -10.30
CA PHE A 106 8.47 -3.85 -11.38
C PHE A 106 7.71 -3.15 -12.50
N ILE A 107 6.57 -2.55 -12.15
CA ILE A 107 5.70 -1.92 -13.18
C ILE A 107 6.45 -0.72 -13.81
N LYS A 108 7.14 0.05 -12.97
CA LYS A 108 7.84 1.25 -13.45
C LYS A 108 8.92 0.86 -14.47
N GLU A 109 9.69 -0.17 -14.12
CA GLU A 109 10.89 -0.58 -14.92
C GLU A 109 10.43 -1.24 -16.21
N ASN A 110 9.16 -1.62 -16.29
CA ASN A 110 8.56 -2.13 -17.49
C ASN A 110 7.80 -1.07 -18.26
N GLY A 111 8.03 0.22 -17.97
CA GLY A 111 7.45 1.32 -18.66
C GLY A 111 5.98 1.48 -18.35
N PHE A 112 5.58 1.05 -17.13
CA PHE A 112 4.20 1.14 -16.68
C PHE A 112 3.26 0.25 -17.49
N LEU A 113 3.76 -0.84 -18.08
CA LEU A 113 2.85 -1.84 -18.63
C LEU A 113 2.11 -2.48 -17.47
N PRO A 114 0.78 -2.67 -17.54
CA PRO A 114 0.06 -3.27 -16.43
C PRO A 114 0.41 -4.76 -16.28
N PHE A 115 0.13 -5.28 -15.08
CA PHE A 115 0.18 -6.71 -14.83
C PHE A 115 -0.93 -7.42 -15.61
N ARG A 116 -0.61 -8.64 -16.02
CA ARG A 116 -1.60 -9.59 -16.54
C ARG A 116 -2.68 -9.85 -15.49
N LEU A 117 -3.91 -10.05 -15.96
CA LEU A 117 -5.03 -10.20 -15.04
C LEU A 117 -4.86 -11.43 -14.15
N ASP A 118 -4.27 -12.51 -14.68
N ASP A 118 -4.29 -12.51 -14.67
CA ASP A 118 -4.08 -13.73 -13.88
CA ASP A 118 -4.18 -13.71 -13.84
C ASP A 118 -3.16 -13.44 -12.69
C ASP A 118 -3.15 -13.47 -12.71
N HIS A 119 -2.14 -12.62 -12.94
CA HIS A 119 -1.22 -12.26 -11.85
C HIS A 119 -1.88 -11.29 -10.87
N ILE A 120 -2.66 -10.34 -11.39
CA ILE A 120 -3.49 -9.46 -10.54
C ILE A 120 -4.34 -10.29 -9.58
N ARG A 121 -4.98 -11.34 -10.08
CA ARG A 121 -5.85 -12.11 -9.26
C ARG A 121 -5.08 -12.73 -8.09
N LYS A 122 -3.93 -13.35 -8.39
CA LYS A 122 -3.14 -14.02 -7.37
C LYS A 122 -2.63 -12.97 -6.38
N MET A 123 -2.09 -11.86 -6.90
CA MET A 123 -1.57 -10.81 -6.04
C MET A 123 -2.65 -10.24 -5.13
N ALA A 124 -3.81 -9.95 -5.71
CA ALA A 124 -4.91 -9.36 -4.95
C ALA A 124 -5.36 -10.27 -3.79
N TYR A 125 -5.43 -11.56 -4.11
CA TYR A 125 -5.83 -12.51 -3.10
C TYR A 125 -4.86 -12.47 -1.91
N GLN A 126 -3.56 -12.54 -2.22
CA GLN A 126 -2.52 -12.55 -1.18
C GLN A 126 -2.52 -11.23 -0.38
N ILE A 127 -2.67 -10.08 -1.07
CA ILE A 127 -2.72 -8.79 -0.35
C ILE A 127 -3.91 -8.80 0.63
N CYS A 128 -5.06 -9.27 0.12
CA CYS A 128 -6.28 -9.32 0.93
C CYS A 128 -6.06 -10.25 2.12
N LYS A 129 -5.43 -11.41 1.91
N LYS A 129 -5.46 -11.44 1.89
CA LYS A 129 -5.26 -12.35 3.03
CA LYS A 129 -5.17 -12.41 3.00
C LYS A 129 -4.27 -11.78 4.06
C LYS A 129 -4.28 -11.76 4.05
N SER A 130 -3.21 -11.13 3.59
CA SER A 130 -2.22 -10.57 4.47
C SER A 130 -2.78 -9.42 5.33
N VAL A 131 -3.44 -8.47 4.64
CA VAL A 131 -3.95 -7.32 5.37
C VAL A 131 -5.11 -7.77 6.24
N ASN A 132 -5.87 -8.78 5.83
CA ASN A 132 -6.97 -9.28 6.70
C ASN A 132 -6.39 -9.81 8.01
N PHE A 133 -5.19 -10.39 7.98
CA PHE A 133 -4.52 -10.86 9.21
C PHE A 133 -4.23 -9.68 10.12
N LEU A 134 -3.79 -8.55 9.57
CA LEU A 134 -3.62 -7.36 10.40
C LEU A 134 -4.96 -7.01 11.05
N HIS A 135 -5.99 -6.98 10.21
CA HIS A 135 -7.33 -6.55 10.64
C HIS A 135 -7.84 -7.44 11.78
N SER A 136 -7.50 -8.72 11.74
CA SER A 136 -7.88 -9.69 12.73
C SER A 136 -7.18 -9.50 14.06
N ASN A 137 -6.12 -8.67 14.06
CA ASN A 137 -5.22 -8.49 15.19
C ASN A 137 -5.21 -7.01 15.60
N LYS A 138 -6.37 -6.38 15.38
CA LYS A 138 -6.69 -5.00 15.84
C LYS A 138 -5.71 -3.98 15.27
N LEU A 139 -5.24 -4.24 14.06
CA LEU A 139 -4.30 -3.38 13.39
C LEU A 139 -4.90 -2.87 12.08
N THR A 140 -4.49 -1.67 11.70
CA THR A 140 -4.72 -1.06 10.38
C THR A 140 -3.37 -0.65 9.83
N HIS A 141 -3.07 -0.95 8.57
CA HIS A 141 -1.77 -0.67 7.98
C HIS A 141 -1.56 0.82 7.78
N THR A 142 -2.52 1.42 7.06
CA THR A 142 -2.67 2.82 6.78
C THR A 142 -1.81 3.29 5.62
N ASP A 143 -0.81 2.56 5.17
CA ASP A 143 0.07 3.08 4.15
C ASP A 143 0.27 2.04 3.06
N LEU A 144 -0.85 1.38 2.68
CA LEU A 144 -0.76 0.45 1.56
C LEU A 144 -0.61 1.21 0.23
N LYS A 145 0.29 0.68 -0.59
CA LYS A 145 0.59 1.26 -1.92
C LYS A 145 1.53 0.31 -2.61
N PRO A 146 1.66 0.37 -3.95
CA PRO A 146 2.45 -0.66 -4.62
C PRO A 146 3.91 -0.76 -4.14
N GLU A 147 4.48 0.33 -3.64
CA GLU A 147 5.80 0.26 -3.13
C GLU A 147 5.94 -0.67 -1.93
N ASN A 148 4.86 -0.82 -1.17
CA ASN A 148 4.85 -1.62 0.06
C ASN A 148 4.39 -3.03 -0.16
N ILE A 149 4.22 -3.44 -1.40
CA ILE A 149 3.94 -4.84 -1.76
C ILE A 149 5.13 -5.32 -2.56
N LEU A 150 5.81 -6.32 -2.04
CA LEU A 150 7.03 -6.80 -2.69
C LEU A 150 6.82 -8.22 -3.17
N PHE A 151 7.41 -8.54 -4.30
CA PHE A 151 7.47 -9.93 -4.73
C PHE A 151 8.37 -10.73 -3.80
N VAL A 152 7.99 -11.97 -3.49
CA VAL A 152 8.78 -12.81 -2.63
C VAL A 152 10.13 -13.16 -3.26
N GLN A 153 10.08 -13.58 -4.51
CA GLN A 153 11.25 -14.14 -5.15
C GLN A 153 11.53 -13.20 -6.29
N SER A 154 12.73 -13.35 -6.85
CA SER A 154 13.08 -12.77 -8.12
C SER A 154 12.73 -13.79 -9.20
N ASP A 155 11.44 -14.13 -9.28
CA ASP A 155 10.94 -15.16 -10.21
C ASP A 155 10.34 -14.45 -11.44
N TYR A 156 11.25 -13.88 -12.23
CA TYR A 156 10.97 -13.22 -13.48
C TYR A 156 12.11 -13.47 -14.46
N THR A 157 11.82 -13.34 -15.77
CA THR A 157 12.81 -13.38 -16.83
C THR A 157 13.06 -11.97 -17.36
N ARG A 169 11.10 -6.94 -17.87
CA ARG A 169 10.99 -8.15 -17.01
C ARG A 169 9.60 -8.76 -17.21
N THR A 170 9.53 -10.11 -17.28
CA THR A 170 8.28 -10.91 -17.41
C THR A 170 8.14 -11.85 -16.20
N LEU A 171 7.00 -11.77 -15.51
CA LEU A 171 6.84 -12.35 -14.19
C LEU A 171 6.54 -13.83 -14.38
N ILE A 172 7.18 -14.70 -13.58
CA ILE A 172 6.93 -16.16 -13.62
C ILE A 172 6.01 -16.55 -12.46
N ASN A 173 6.38 -16.18 -11.23
CA ASN A 173 5.47 -16.36 -10.09
C ASN A 173 5.31 -15.01 -9.35
N PRO A 174 4.02 -14.63 -9.15
CA PRO A 174 3.65 -13.33 -8.64
C PRO A 174 3.47 -13.26 -7.11
N ASP A 175 3.98 -14.24 -6.34
N ASP A 175 4.00 -14.19 -6.34
CA ASP A 175 3.80 -14.27 -4.87
CA ASP A 175 3.71 -14.22 -4.91
C ASP A 175 4.34 -12.98 -4.26
C ASP A 175 4.34 -12.99 -4.25
N ILE A 176 3.62 -12.41 -3.28
CA ILE A 176 4.00 -11.19 -2.62
C ILE A 176 4.08 -11.34 -1.09
N LYS A 177 4.68 -10.31 -0.48
CA LYS A 177 4.55 -10.05 0.92
C LYS A 177 4.24 -8.57 1.09
N VAL A 178 3.69 -8.21 2.28
CA VAL A 178 3.44 -6.84 2.70
C VAL A 178 4.58 -6.38 3.59
N VAL A 179 5.00 -5.14 3.36
CA VAL A 179 6.02 -4.49 4.17
C VAL A 179 5.52 -3.15 4.65
N ASP A 180 6.39 -2.57 5.49
CA ASP A 180 6.33 -1.23 6.05
C ASP A 180 5.23 -1.10 7.08
N PHE A 181 5.55 -1.44 8.34
CA PHE A 181 4.57 -1.41 9.43
C PHE A 181 4.84 -0.20 10.32
N GLY A 182 5.52 0.82 9.77
CA GLY A 182 5.89 2.00 10.57
C GLY A 182 4.75 2.95 10.82
N SER A 183 3.63 2.82 10.07
CA SER A 183 2.44 3.62 10.25
C SER A 183 1.28 2.81 10.84
N ALA A 184 1.45 1.48 11.01
CA ALA A 184 0.39 0.62 11.44
C ALA A 184 -0.04 1.03 12.86
N THR A 185 -1.35 1.00 13.08
CA THR A 185 -1.94 1.56 14.26
C THR A 185 -2.91 0.56 14.87
N TYR A 186 -2.81 0.40 16.19
CA TYR A 186 -3.71 -0.50 16.90
C TYR A 186 -5.03 0.21 17.19
N ASP A 187 -6.10 -0.57 17.27
CA ASP A 187 -7.44 -0.01 17.53
C ASP A 187 -7.43 0.96 18.72
N ASP A 188 -6.67 0.64 19.78
CA ASP A 188 -6.81 1.39 21.04
C ASP A 188 -5.78 2.54 21.13
N GLU A 189 -5.05 2.78 20.05
CA GLU A 189 -3.94 3.68 19.95
C GLU A 189 -4.41 5.01 19.35
N HIS A 190 -3.72 6.10 19.74
CA HIS A 190 -3.85 7.39 19.04
C HIS A 190 -3.76 7.19 17.53
N HIS A 191 -4.81 7.62 16.83
CA HIS A 191 -4.93 7.62 15.36
C HIS A 191 -4.50 8.98 14.78
N SER A 192 -3.38 8.96 14.07
CA SER A 192 -2.98 10.18 13.34
C SER A 192 -4.11 10.71 12.45
N THR A 193 -4.19 12.04 12.42
CA THR A 193 -5.09 12.76 11.60
C THR A 193 -4.90 12.47 10.11
N LEU A 194 -3.66 12.51 9.66
CA LEU A 194 -3.36 12.29 8.21
C LEU A 194 -2.65 10.94 8.10
N VAL A 195 -3.24 10.02 7.33
CA VAL A 195 -2.59 8.77 7.02
C VAL A 195 -2.75 8.51 5.51
N SER A 196 -1.89 7.58 5.03
CA SER A 196 -1.89 7.09 3.65
C SER A 196 -1.16 8.09 2.74
N THR A 197 -0.57 7.52 1.68
CA THR A 197 -0.04 8.26 0.55
C THR A 197 -1.24 8.77 -0.28
N ARG A 198 -1.23 10.02 -0.75
CA ARG A 198 -2.45 10.69 -1.17
C ARG A 198 -3.27 9.84 -2.13
N HIS A 199 -2.62 9.27 -3.14
CA HIS A 199 -3.39 8.65 -4.18
C HIS A 199 -4.16 7.43 -3.62
N TYR A 200 -3.81 6.97 -2.40
CA TYR A 200 -4.40 5.70 -1.86
C TYR A 200 -5.29 6.03 -0.64
N ARG A 201 -5.51 7.33 -0.36
CA ARG A 201 -6.13 7.78 0.85
C ARG A 201 -7.67 7.78 0.73
N ALA A 202 -8.33 7.14 1.69
CA ALA A 202 -9.79 6.97 1.72
C ALA A 202 -10.50 8.28 2.03
N PRO A 203 -11.75 8.42 1.63
CA PRO A 203 -12.52 9.67 1.79
C PRO A 203 -12.71 10.03 3.27
N GLU A 204 -12.85 9.04 4.17
CA GLU A 204 -13.04 9.35 5.60
C GLU A 204 -11.75 9.91 6.20
N VAL A 205 -10.60 9.60 5.60
CA VAL A 205 -9.34 10.19 5.98
C VAL A 205 -9.29 11.65 5.54
N ILE A 206 -9.61 11.86 4.27
CA ILE A 206 -9.57 13.22 3.69
C ILE A 206 -10.50 14.13 4.48
N LEU A 207 -11.71 13.65 4.85
CA LEU A 207 -12.74 14.42 5.49
C LEU A 207 -12.61 14.41 7.03
N ALA A 208 -11.54 13.81 7.54
CA ALA A 208 -11.22 13.79 8.98
C ALA A 208 -12.41 13.26 9.78
N LEU A 209 -13.02 12.17 9.31
CA LEU A 209 -14.23 11.60 9.90
C LEU A 209 -13.91 10.46 10.87
N GLY A 210 -12.62 10.15 11.07
CA GLY A 210 -12.24 8.98 11.82
C GLY A 210 -12.01 7.84 10.85
N TRP A 211 -11.01 7.05 11.13
CA TRP A 211 -10.70 5.93 10.21
C TRP A 211 -10.36 4.71 11.06
N SER A 212 -10.39 3.55 10.40
CA SER A 212 -10.05 2.29 11.00
C SER A 212 -9.73 1.35 9.86
N GLN A 213 -9.98 0.04 10.05
CA GLN A 213 -9.51 -0.93 9.06
C GLN A 213 -10.03 -0.65 7.66
N PRO A 214 -11.29 -0.17 7.48
CA PRO A 214 -11.81 0.07 6.16
C PRO A 214 -10.94 0.98 5.28
N CYS A 215 -10.14 1.88 5.86
CA CYS A 215 -9.32 2.74 5.05
C CYS A 215 -8.27 1.92 4.27
N ASP A 216 -7.83 0.77 4.80
CA ASP A 216 -6.92 -0.10 4.06
C ASP A 216 -7.63 -0.72 2.85
N VAL A 217 -8.93 -1.06 3.01
CA VAL A 217 -9.62 -1.65 1.91
C VAL A 217 -9.73 -0.70 0.71
N TRP A 218 -9.96 0.58 1.03
CA TRP A 218 -9.96 1.63 0.02
C TRP A 218 -8.60 1.68 -0.72
N SER A 219 -7.51 1.68 0.07
CA SER A 219 -6.18 1.70 -0.49
C SER A 219 -5.94 0.50 -1.43
N ILE A 220 -6.39 -0.69 -1.02
CA ILE A 220 -6.25 -1.87 -1.87
C ILE A 220 -7.03 -1.72 -3.17
N GLY A 221 -8.26 -1.20 -3.13
CA GLY A 221 -8.93 -0.94 -4.34
C GLY A 221 -8.15 -0.08 -5.31
N CYS A 222 -7.53 0.98 -4.77
CA CYS A 222 -6.73 1.86 -5.59
C CYS A 222 -5.49 1.16 -6.15
N ILE A 223 -4.87 0.29 -5.38
CA ILE A 223 -3.72 -0.52 -5.83
C ILE A 223 -4.17 -1.40 -7.00
N LEU A 224 -5.32 -2.04 -6.86
CA LEU A 224 -5.70 -3.00 -7.90
C LEU A 224 -5.97 -2.28 -9.22
N ILE A 225 -6.60 -1.10 -9.16
CA ILE A 225 -6.79 -0.29 -10.37
C ILE A 225 -5.45 -0.01 -11.01
N GLU A 226 -4.49 0.43 -10.20
CA GLU A 226 -3.18 0.76 -10.70
C GLU A 226 -2.49 -0.43 -11.35
N TYR A 227 -2.61 -1.62 -10.75
CA TYR A 227 -2.03 -2.82 -11.36
C TYR A 227 -2.68 -3.13 -12.74
N TYR A 228 -3.96 -2.87 -12.82
CA TYR A 228 -4.74 -3.13 -14.03
C TYR A 228 -4.46 -2.15 -15.16
N LEU A 229 -4.29 -0.86 -14.81
CA LEU A 229 -4.10 0.16 -15.83
C LEU A 229 -2.66 0.60 -16.05
N GLY A 230 -1.80 0.51 -15.03
CA GLY A 230 -0.46 1.01 -15.08
C GLY A 230 -0.35 2.44 -14.54
N PHE A 231 -1.48 3.00 -14.09
CA PHE A 231 -1.54 4.39 -13.65
C PHE A 231 -2.70 4.55 -12.68
N THR A 232 -2.62 5.61 -11.86
CA THR A 232 -3.69 5.98 -10.92
C THR A 232 -4.86 6.65 -11.63
N VAL A 233 -6.07 6.42 -11.11
CA VAL A 233 -7.27 7.14 -11.59
C VAL A 233 -7.41 8.43 -10.77
N PHE A 234 -6.56 8.62 -9.77
CA PHE A 234 -6.59 9.90 -8.92
C PHE A 234 -5.29 10.70 -9.09
N PRO A 235 -4.97 11.14 -10.33
CA PRO A 235 -3.73 11.87 -10.63
C PRO A 235 -3.74 13.34 -10.12
N THR A 236 -3.65 13.50 -8.80
CA THR A 236 -3.80 14.83 -8.13
C THR A 236 -2.88 14.90 -6.92
N HIS A 237 -2.54 16.14 -6.52
CA HIS A 237 -1.80 16.42 -5.29
C HIS A 237 -2.60 17.39 -4.43
N ASP A 238 -3.92 17.45 -4.61
CA ASP A 238 -4.78 18.39 -3.88
C ASP A 238 -6.05 17.70 -3.38
N SER A 239 -6.43 17.96 -2.13
CA SER A 239 -7.57 17.26 -1.49
C SER A 239 -8.91 17.58 -2.16
N LYS A 240 -9.16 18.84 -2.53
CA LYS A 240 -10.40 19.22 -3.18
C LYS A 240 -10.52 18.51 -4.55
N GLU A 241 -9.46 18.61 -5.32
CA GLU A 241 -9.44 17.98 -6.62
C GLU A 241 -9.60 16.46 -6.48
N HIS A 242 -8.98 15.88 -5.44
CA HIS A 242 -9.13 14.44 -5.15
C HIS A 242 -10.61 14.09 -4.99
N LEU A 243 -11.33 14.86 -4.20
CA LEU A 243 -12.72 14.62 -4.00
C LEU A 243 -13.52 14.78 -5.31
N ALA A 244 -13.12 15.75 -6.13
CA ALA A 244 -13.82 15.97 -7.37
C ALA A 244 -13.62 14.77 -8.31
N MET A 245 -12.43 14.22 -8.28
CA MET A 245 -12.13 13.02 -9.09
C MET A 245 -12.98 11.84 -8.58
N MET A 246 -13.02 11.64 -7.26
CA MET A 246 -13.92 10.62 -6.67
C MET A 246 -15.33 10.81 -7.22
N GLU A 247 -15.84 12.04 -7.22
CA GLU A 247 -17.22 12.25 -7.63
C GLU A 247 -17.40 11.79 -9.09
N ARG A 248 -16.43 12.13 -9.93
CA ARG A 248 -16.51 11.82 -11.34
C ARG A 248 -16.41 10.30 -11.58
N ILE A 249 -15.60 9.63 -10.78
CA ILE A 249 -15.38 8.18 -10.98
C ILE A 249 -16.49 7.36 -10.29
N LEU A 250 -16.93 7.78 -9.11
CA LEU A 250 -17.75 6.93 -8.24
C LEU A 250 -19.15 7.51 -7.98
N GLY A 251 -19.45 8.72 -8.43
CA GLY A 251 -20.70 9.38 -8.03
C GLY A 251 -20.55 10.30 -6.83
N PRO A 252 -21.62 11.03 -6.45
CA PRO A 252 -21.56 11.98 -5.35
C PRO A 252 -21.39 11.29 -3.98
N LEU A 253 -20.75 12.01 -3.06
CA LEU A 253 -20.50 11.49 -1.76
C LEU A 253 -21.79 11.48 -0.98
N PRO A 254 -21.94 10.53 -0.04
CA PRO A 254 -23.13 10.48 0.82
C PRO A 254 -23.27 11.74 1.70
N LYS A 255 -24.51 12.25 1.79
CA LYS A 255 -24.90 13.33 2.70
C LYS A 255 -24.35 13.14 4.12
N HIS A 256 -24.45 11.91 4.65
CA HIS A 256 -24.11 11.72 6.04
C HIS A 256 -22.61 12.03 6.27
N MET A 257 -21.78 11.80 5.25
CA MET A 257 -20.33 12.04 5.37
C MET A 257 -20.05 13.53 5.27
N ILE A 258 -20.76 14.19 4.35
CA ILE A 258 -20.66 15.64 4.20
C ILE A 258 -21.11 16.38 5.47
N GLN A 259 -22.22 15.96 6.08
CA GLN A 259 -22.79 16.65 7.25
C GLN A 259 -21.86 16.51 8.46
N LYS A 260 -21.14 15.39 8.56
CA LYS A 260 -20.25 15.13 9.70
C LYS A 260 -18.93 15.90 9.57
N THR A 261 -18.49 16.23 8.35
CA THR A 261 -17.16 16.77 8.22
C THR A 261 -17.11 18.17 8.87
N ARG A 262 -15.97 18.43 9.52
CA ARG A 262 -15.58 19.80 9.96
C ARG A 262 -15.11 20.60 8.74
N LYS A 263 -14.79 19.87 7.65
CA LYS A 263 -14.41 20.47 6.37
C LYS A 263 -15.70 20.79 5.56
N ARG A 264 -16.57 21.61 6.16
CA ARG A 264 -17.81 22.11 5.52
C ARG A 264 -17.48 23.00 4.31
N LYS A 265 -16.37 23.77 4.38
CA LYS A 265 -15.85 24.55 3.25
C LYS A 265 -16.11 23.83 1.92
N TYR A 266 -15.76 22.53 1.84
CA TYR A 266 -15.71 21.79 0.57
C TYR A 266 -17.08 21.75 -0.13
N PHE A 267 -18.22 21.96 0.59
CA PHE A 267 -19.55 21.58 0.01
C PHE A 267 -20.62 22.68 0.16
N HIS A 268 -21.43 22.82 -0.91
CA HIS A 268 -22.62 23.69 -1.03
C HIS A 268 -23.87 22.81 -1.18
N HIS A 269 -24.66 22.69 -0.10
CA HIS A 269 -25.92 21.90 -0.07
C HIS A 269 -25.65 20.44 -0.47
N ASP A 270 -24.70 19.80 0.23
CA ASP A 270 -24.35 18.40 -0.02
C ASP A 270 -23.90 18.16 -1.46
N ARG A 271 -23.35 19.19 -2.13
CA ARG A 271 -22.53 19.01 -3.38
C ARG A 271 -21.15 19.65 -3.18
N LEU A 272 -20.07 19.03 -3.69
CA LEU A 272 -18.74 19.63 -3.65
C LEU A 272 -18.79 20.97 -4.37
N ASP A 273 -18.16 21.93 -3.74
CA ASP A 273 -18.09 23.29 -4.24
C ASP A 273 -16.90 23.31 -5.20
N TRP A 274 -17.25 23.07 -6.45
CA TRP A 274 -16.27 22.74 -7.47
C TRP A 274 -16.77 23.30 -8.79
N ASP A 275 -15.87 24.05 -9.45
CA ASP A 275 -16.18 24.61 -10.73
C ASP A 275 -15.68 23.66 -11.80
N GLU A 276 -16.60 22.92 -12.44
CA GLU A 276 -16.23 21.92 -13.41
C GLU A 276 -15.71 22.60 -14.69
N HIS A 277 -15.95 23.91 -14.84
CA HIS A 277 -15.61 24.63 -16.09
C HIS A 277 -14.24 25.33 -16.03
N SER A 278 -13.59 25.30 -14.86
CA SER A 278 -12.29 25.88 -14.60
C SER A 278 -11.20 24.98 -15.21
N SER A 279 -9.94 25.47 -15.21
CA SER A 279 -8.83 24.67 -15.65
C SER A 279 -8.77 23.31 -14.89
N ALA A 280 -8.84 23.35 -13.56
CA ALA A 280 -8.83 22.14 -12.80
C ALA A 280 -10.03 21.25 -13.12
N GLY A 281 -11.22 21.86 -13.25
CA GLY A 281 -12.47 21.18 -13.60
C GLY A 281 -12.34 20.43 -14.93
N ARG A 282 -11.78 21.12 -15.93
CA ARG A 282 -11.62 20.50 -17.26
C ARG A 282 -10.62 19.35 -17.19
N TYR A 283 -9.58 19.50 -16.39
CA TYR A 283 -8.56 18.48 -16.19
C TYR A 283 -9.21 17.22 -15.59
N VAL A 284 -10.03 17.42 -14.55
CA VAL A 284 -10.69 16.31 -13.90
C VAL A 284 -11.66 15.64 -14.86
N SER A 285 -12.41 16.42 -15.66
CA SER A 285 -13.35 15.82 -16.60
C SER A 285 -12.60 14.97 -17.65
N ARG A 286 -11.40 15.39 -18.03
CA ARG A 286 -10.65 14.66 -19.07
C ARG A 286 -10.08 13.36 -18.48
N ALA A 287 -9.41 13.45 -17.33
CA ALA A 287 -8.61 12.37 -16.79
C ALA A 287 -9.48 11.28 -16.13
N CYS A 288 -10.65 11.68 -15.65
CA CYS A 288 -11.46 10.81 -14.81
C CYS A 288 -12.78 10.55 -15.53
N LYS A 289 -13.37 9.36 -15.33
CA LYS A 289 -14.70 9.06 -15.82
C LYS A 289 -15.27 7.92 -14.98
N PRO A 290 -16.54 7.53 -15.16
CA PRO A 290 -17.11 6.44 -14.37
C PRO A 290 -16.18 5.21 -14.38
N LEU A 291 -16.01 4.62 -13.20
CA LEU A 291 -15.07 3.54 -12.95
C LEU A 291 -15.12 2.49 -14.07
N LYS A 292 -16.33 2.01 -14.40
CA LYS A 292 -16.40 0.87 -15.33
C LYS A 292 -15.86 1.21 -16.73
N GLU A 293 -15.78 2.51 -17.09
CA GLU A 293 -15.29 2.91 -18.39
C GLU A 293 -13.78 2.70 -18.52
N PHE A 294 -13.07 2.43 -17.40
CA PHE A 294 -11.67 2.13 -17.49
C PHE A 294 -11.38 0.67 -17.81
N MET A 295 -12.41 -0.16 -17.88
CA MET A 295 -12.20 -1.60 -18.22
C MET A 295 -11.65 -1.73 -19.63
N LEU A 296 -10.67 -2.61 -19.80
CA LEU A 296 -9.99 -2.80 -21.09
C LEU A 296 -10.59 -3.94 -21.89
N SER A 297 -11.48 -4.69 -21.26
CA SER A 297 -12.18 -5.77 -21.91
C SER A 297 -13.52 -5.88 -21.22
N GLN A 298 -14.52 -6.38 -21.96
CA GLN A 298 -15.84 -6.63 -21.39
C GLN A 298 -15.96 -8.10 -20.93
N ASP A 299 -14.87 -8.87 -21.05
CA ASP A 299 -14.83 -10.29 -20.62
C ASP A 299 -15.24 -10.35 -19.15
N VAL A 300 -15.82 -11.49 -18.75
CA VAL A 300 -16.47 -11.54 -17.42
C VAL A 300 -15.42 -11.48 -16.32
N GLU A 301 -14.20 -11.98 -16.58
CA GLU A 301 -13.19 -11.89 -15.49
C GLU A 301 -12.81 -10.43 -15.23
N HIS A 302 -12.87 -9.59 -16.25
CA HIS A 302 -12.61 -8.12 -16.02
C HIS A 302 -13.78 -7.53 -15.26
N GLU A 303 -15.03 -7.91 -15.59
CA GLU A 303 -16.19 -7.41 -14.88
C GLU A 303 -16.18 -7.84 -13.41
N ARG A 304 -15.70 -9.06 -13.15
CA ARG A 304 -15.56 -9.50 -11.80
C ARG A 304 -14.54 -8.64 -11.05
N LEU A 305 -13.37 -8.40 -11.64
CA LEU A 305 -12.41 -7.52 -10.96
C LEU A 305 -13.04 -6.15 -10.67
N PHE A 306 -13.68 -5.58 -11.67
CA PHE A 306 -14.20 -4.23 -11.45
C PHE A 306 -15.33 -4.20 -10.43
N ASP A 307 -16.08 -5.29 -10.29
CA ASP A 307 -17.14 -5.33 -9.26
C ASP A 307 -16.52 -5.31 -7.85
N LEU A 308 -15.41 -6.03 -7.68
CA LEU A 308 -14.69 -6.04 -6.45
C LEU A 308 -14.09 -4.65 -6.18
N ILE A 309 -13.46 -4.06 -7.16
CA ILE A 309 -12.89 -2.74 -6.95
C ILE A 309 -13.98 -1.72 -6.57
N GLN A 310 -15.13 -1.79 -7.24
CA GLN A 310 -16.24 -0.86 -6.90
C GLN A 310 -16.67 -1.05 -5.45
N LYS A 311 -16.71 -2.30 -4.93
CA LYS A 311 -17.06 -2.52 -3.57
C LYS A 311 -15.96 -2.04 -2.60
N MET A 312 -14.68 -2.16 -2.97
CA MET A 312 -13.59 -1.60 -2.14
C MET A 312 -13.62 -0.07 -2.07
N LEU A 313 -14.11 0.55 -3.13
CA LEU A 313 -14.21 2.02 -3.25
C LEU A 313 -15.61 2.50 -2.91
N GLU A 314 -16.29 1.75 -2.04
CA GLU A 314 -17.55 2.26 -1.41
C GLU A 314 -17.22 3.45 -0.51
N TYR A 315 -17.94 4.57 -0.62
CA TYR A 315 -17.57 5.74 0.18
C TYR A 315 -17.74 5.54 1.69
N ASP A 316 -18.86 4.92 2.06
CA ASP A 316 -19.22 4.71 3.46
C ASP A 316 -18.32 3.63 4.02
N PRO A 317 -17.40 3.92 4.96
CA PRO A 317 -16.52 2.89 5.49
C PRO A 317 -17.21 1.72 6.19
N ALA A 318 -18.46 1.94 6.65
CA ALA A 318 -19.19 0.86 7.32
C ALA A 318 -19.71 -0.13 6.28
N LYS A 319 -20.32 0.42 5.22
CA LYS A 319 -20.86 -0.40 4.15
C LYS A 319 -19.77 -1.09 3.32
N ARG A 320 -18.58 -0.48 3.24
CA ARG A 320 -17.44 -0.97 2.43
C ARG A 320 -17.19 -2.46 2.76
N ILE A 321 -16.94 -3.21 1.69
CA ILE A 321 -16.60 -4.64 1.80
C ILE A 321 -15.41 -4.75 2.76
N THR A 322 -15.43 -5.83 3.57
CA THR A 322 -14.28 -6.16 4.43
C THR A 322 -13.37 -7.11 3.63
N LEU A 323 -12.12 -7.23 4.07
CA LEU A 323 -11.25 -8.15 3.38
C LEU A 323 -11.69 -9.61 3.53
N ARG A 324 -12.29 -9.95 4.66
CA ARG A 324 -12.78 -11.33 4.85
C ARG A 324 -13.82 -11.61 3.75
N GLU A 325 -14.68 -10.64 3.50
CA GLU A 325 -15.67 -10.76 2.46
C GLU A 325 -15.03 -10.76 1.06
N ALA A 326 -14.02 -9.89 0.84
CA ALA A 326 -13.39 -9.80 -0.46
C ALA A 326 -12.81 -11.16 -0.87
N LEU A 327 -12.26 -11.93 0.09
CA LEU A 327 -11.60 -13.20 -0.23
C LEU A 327 -12.61 -14.20 -0.83
N LYS A 328 -13.90 -13.96 -0.58
CA LYS A 328 -14.99 -14.80 -1.12
C LYS A 328 -15.54 -14.29 -2.45
N HIS A 329 -15.10 -13.12 -2.93
CA HIS A 329 -15.70 -12.53 -4.11
C HIS A 329 -15.48 -13.42 -5.34
N PRO A 330 -16.43 -13.40 -6.32
CA PRO A 330 -16.27 -14.18 -7.56
C PRO A 330 -15.01 -14.00 -8.39
N PHE A 331 -14.34 -12.85 -8.26
CA PHE A 331 -13.10 -12.65 -8.98
C PHE A 331 -12.04 -13.73 -8.63
N PHE A 332 -12.14 -14.29 -7.43
CA PHE A 332 -11.11 -15.23 -6.93
C PHE A 332 -11.48 -16.67 -7.30
N ASP A 333 -12.62 -16.87 -7.97
CA ASP A 333 -13.03 -18.25 -8.25
C ASP A 333 -11.99 -18.98 -9.13
N LEU A 334 -11.36 -18.35 -10.12
CA LEU A 334 -10.32 -19.05 -10.90
C LEU A 334 -9.19 -19.64 -10.02
N LEU A 335 -8.94 -19.08 -8.84
CA LEU A 335 -7.89 -19.64 -7.95
C LEU A 335 -8.36 -20.88 -7.20
N LYS A 336 -9.66 -21.04 -7.11
CA LYS A 336 -10.26 -22.04 -6.33
C LYS A 336 -10.81 -23.10 -7.29
#